data_3UD8
#
_entry.id   3UD8
#
_cell.length_a   113.243
_cell.length_b   46.178
_cell.length_c   96.689
_cell.angle_alpha   90.00
_cell.angle_beta   125.79
_cell.angle_gamma   90.00
#
_symmetry.space_group_name_H-M   'C 1 2 1'
#
loop_
_entity.id
_entity.type
_entity.pdbx_description
1 polymer 'Heparin-binding growth factor 1'
2 branched '2-deoxy-3-O-sulfo-2-(sulfoamino)-alpha-D-glucopyranose-(1-4)-1-O-methyl-2-O-sulfo-alpha-L-idopyranuronic acid'
3 non-polymer 'PHOSPHATE ION'
4 water water
#
_entity_poly.entity_id   1
_entity_poly.type   'polypeptide(L)'
_entity_poly.pdbx_seq_one_letter_code
;MFNLPPGNYKKPKLLYCSNGGHFLRILPDGTVDGTRDRSDQHIQLQLSAESVGEVYIKSTETGQYLAMDTDGLLYGSQTP
NEECLFLERLEENHYNTYISKKHAEKNWFVGLKKNGSCKRGPRTHYGQKAILFLPLPVSSD
;
_entity_poly.pdbx_strand_id   A,B,C
#
loop_
_chem_comp.id
_chem_comp.type
_chem_comp.name
_chem_comp.formula
GNX D-saccharide, alpha linking 2-deoxy-3-O-sulfo-2-(sulfoamino)-alpha-D-glucopyranose 'C6 H13 N O11 S2'
IDY L-saccharide, alpha linking '1-O-methyl-2-O-sulfo-alpha-L-idopyranuronic acid' 'C7 H12 O10 S'
PO4 non-polymer 'PHOSPHATE ION' 'O4 P -3'
#
# COMPACT_ATOMS: atom_id res chain seq x y z
N LYS A 10 -12.59 -16.77 -6.18
CA LYS A 10 -11.10 -16.83 -6.13
C LYS A 10 -10.67 -16.60 -4.69
N LYS A 11 -9.48 -17.10 -4.35
CA LYS A 11 -8.90 -16.99 -3.01
C LYS A 11 -9.94 -17.29 -1.96
N PRO A 12 -9.91 -16.59 -0.81
CA PRO A 12 -8.96 -15.63 -0.22
C PRO A 12 -7.55 -16.15 0.07
N LYS A 13 -6.70 -15.25 0.56
CA LYS A 13 -5.36 -15.58 0.99
C LYS A 13 -5.02 -15.01 2.33
N LEU A 14 -3.97 -15.53 2.92
CA LEU A 14 -3.32 -14.89 4.03
C LEU A 14 -2.03 -14.24 3.52
N LEU A 15 -1.62 -13.14 4.11
CA LEU A 15 -0.31 -12.58 3.78
C LEU A 15 0.64 -12.76 4.98
N TYR A 16 1.61 -13.65 4.77
CA TYR A 16 2.54 -14.00 5.80
C TYR A 16 3.86 -13.29 5.61
N CYS A 17 4.19 -12.47 6.59
CA CYS A 17 5.38 -11.66 6.53
C CYS A 17 6.57 -12.51 6.99
N SER A 18 7.64 -12.50 6.20
CA SER A 18 8.92 -13.10 6.56
C SER A 18 9.57 -12.62 7.89
N ASN A 19 9.25 -11.42 8.37
CA ASN A 19 10.08 -10.74 9.33
C ASN A 19 9.99 -11.43 10.68
N GLY A 20 8.83 -11.31 11.34
CA GLY A 20 8.53 -12.12 12.51
C GLY A 20 7.47 -13.20 12.31
N GLY A 21 7.00 -13.43 11.09
CA GLY A 21 6.08 -14.55 10.86
C GLY A 21 4.68 -14.17 11.31
N HIS A 22 4.24 -13.02 10.83
CA HIS A 22 2.95 -12.49 11.14
C HIS A 22 2.11 -12.49 9.88
N PHE A 23 0.85 -12.84 10.08
CA PHE A 23 -0.15 -12.63 9.08
C PHE A 23 -0.61 -11.18 9.13
N LEU A 24 -0.66 -10.51 7.98
CA LEU A 24 -1.17 -9.14 7.96
C LEU A 24 -2.63 -9.22 8.37
N ARG A 25 -3.01 -8.26 9.24
CA ARG A 25 -4.33 -8.17 9.85
C ARG A 25 -4.93 -6.78 9.77
N ILE A 26 -6.20 -6.70 9.38
CA ILE A 26 -6.93 -5.43 9.47
C ILE A 26 -7.99 -5.53 10.58
N LEU A 27 -7.73 -4.88 11.70
CA LEU A 27 -8.61 -4.92 12.87
C LEU A 27 -9.86 -4.08 12.64
N PRO A 28 -10.97 -4.44 13.33
CA PRO A 28 -12.17 -3.59 13.40
C PRO A 28 -11.86 -2.14 13.82
N ASP A 29 -10.93 -1.93 14.75
CA ASP A 29 -10.29 -0.60 15.01
C ASP A 29 -10.17 0.22 13.72
N GLY A 30 -9.74 -0.45 12.65
CA GLY A 30 -9.22 0.22 11.45
C GLY A 30 -7.69 0.30 11.46
N THR A 31 -7.09 -0.24 12.51
CA THR A 31 -5.64 -0.33 12.55
C THR A 31 -5.12 -1.64 11.93
N VAL A 32 -3.89 -1.58 11.40
CA VAL A 32 -3.25 -2.69 10.73
C VAL A 32 -2.01 -3.11 11.54
N ASP A 33 -1.77 -4.42 11.58
CA ASP A 33 -0.67 -5.00 12.37
C ASP A 33 -0.54 -6.44 11.89
N GLY A 34 0.25 -7.22 12.61
CA GLY A 34 0.41 -8.61 12.34
C GLY A 34 0.03 -9.46 13.54
N THR A 35 -0.45 -10.67 13.28
CA THR A 35 -0.59 -11.68 14.34
C THR A 35 -0.07 -13.03 13.89
N ARG A 36 0.53 -13.75 14.82
CA ARG A 36 1.05 -15.08 14.51
C ARG A 36 -0.05 -16.13 14.52
N ASP A 37 -1.24 -15.74 14.97
CA ASP A 37 -2.34 -16.67 15.12
C ASP A 37 -3.10 -16.85 13.81
N ARG A 38 -2.88 -17.99 13.17
CA ARG A 38 -3.53 -18.29 11.90
C ARG A 38 -5.04 -18.60 11.94
N SER A 39 -5.59 -18.85 13.11
CA SER A 39 -7.05 -18.94 13.23
C SER A 39 -7.70 -17.62 13.66
N ASP A 40 -6.97 -16.52 13.48
CA ASP A 40 -7.51 -15.17 13.61
C ASP A 40 -8.42 -14.89 12.41
N GLN A 41 -9.54 -14.20 12.64
CA GLN A 41 -10.58 -14.01 11.62
C GLN A 41 -10.41 -12.71 10.84
N HIS A 42 -9.42 -11.92 11.22
CA HIS A 42 -9.14 -10.65 10.60
C HIS A 42 -7.90 -10.70 9.70
N ILE A 43 -7.47 -11.90 9.32
CA ILE A 43 -6.29 -12.08 8.48
C ILE A 43 -6.67 -12.68 7.14
N GLN A 44 -7.93 -13.02 6.99
CA GLN A 44 -8.35 -13.57 5.72
C GLN A 44 -8.52 -12.42 4.75
N LEU A 45 -7.82 -12.49 3.62
CA LEU A 45 -7.76 -11.33 2.74
C LEU A 45 -8.12 -11.66 1.30
N GLN A 46 -8.96 -10.82 0.71
CA GLN A 46 -9.33 -10.98 -0.68
C GLN A 46 -8.57 -9.95 -1.50
N LEU A 47 -7.84 -10.43 -2.49
CA LEU A 47 -7.10 -9.56 -3.38
C LEU A 47 -7.88 -9.46 -4.69
N SER A 48 -8.02 -8.25 -5.21
CA SER A 48 -8.57 -8.08 -6.52
C SER A 48 -7.68 -7.14 -7.33
N ALA A 49 -7.79 -7.25 -8.64
CA ALA A 49 -6.89 -6.55 -9.52
C ALA A 49 -7.60 -5.42 -10.25
N GLU A 50 -7.10 -4.19 -10.12
CA GLU A 50 -7.42 -3.12 -11.07
C GLU A 50 -6.85 -3.57 -12.40
N SER A 51 -5.57 -3.27 -12.58
CA SER A 51 -4.79 -3.66 -13.75
C SER A 51 -3.73 -4.68 -13.34
N VAL A 52 -2.99 -5.16 -14.33
CA VAL A 52 -2.00 -6.23 -14.14
C VAL A 52 -0.94 -5.84 -13.12
N GLY A 53 -0.83 -6.59 -12.03
CA GLY A 53 0.06 -6.23 -10.93
C GLY A 53 -0.35 -5.07 -10.01
N GLU A 54 -1.60 -4.59 -10.17
CA GLU A 54 -2.23 -3.73 -9.18
C GLU A 54 -3.37 -4.40 -8.40
N VAL A 55 -3.25 -4.43 -7.07
CA VAL A 55 -4.30 -5.07 -6.26
C VAL A 55 -4.90 -4.15 -5.21
N TYR A 56 -6.17 -4.38 -4.88
CA TYR A 56 -6.71 -4.02 -3.60
C TYR A 56 -6.65 -5.25 -2.73
N ILE A 57 -6.46 -4.98 -1.45
CA ILE A 57 -6.36 -5.98 -0.40
C ILE A 57 -7.47 -5.65 0.61
N LYS A 58 -8.36 -6.63 0.76
CA LYS A 58 -9.63 -6.51 1.44
C LYS A 58 -9.77 -7.48 2.59
N SER A 59 -10.11 -6.99 3.75
CA SER A 59 -10.44 -7.86 4.87
C SER A 59 -11.79 -8.48 4.57
N THR A 60 -11.90 -9.81 4.60
CA THR A 60 -13.17 -10.46 4.26
C THR A 60 -14.13 -10.52 5.46
N GLU A 61 -13.58 -10.36 6.66
CA GLU A 61 -14.35 -10.26 7.88
C GLU A 61 -15.02 -8.89 8.05
N THR A 62 -14.32 -7.79 7.77
CA THR A 62 -14.89 -6.45 7.98
C THR A 62 -15.18 -5.71 6.68
N GLY A 63 -14.60 -6.15 5.58
CA GLY A 63 -14.78 -5.48 4.28
C GLY A 63 -13.94 -4.21 4.12
N GLN A 64 -13.13 -3.92 5.14
CA GLN A 64 -12.16 -2.84 4.99
C GLN A 64 -11.07 -3.13 3.94
N TYR A 65 -10.52 -2.06 3.40
CA TYR A 65 -9.42 -2.18 2.48
C TYR A 65 -8.14 -1.65 3.10
N LEU A 66 -7.05 -2.36 2.82
CA LEU A 66 -5.73 -1.85 3.14
C LEU A 66 -5.44 -0.57 2.38
N ALA A 67 -4.89 0.40 3.13
CA ALA A 67 -4.55 1.70 2.58
C ALA A 67 -3.32 2.25 3.25
N MET A 68 -2.61 3.11 2.54
CA MET A 68 -1.48 3.77 3.19
C MET A 68 -1.76 5.28 3.06
N ASP A 69 -1.52 6.02 4.15
CA ASP A 69 -1.87 7.44 4.19
C ASP A 69 -0.64 8.25 3.82
N THR A 70 -0.81 9.57 3.88
CA THR A 70 0.03 10.48 3.11
C THR A 70 1.38 10.70 3.77
N ASP A 71 1.61 10.03 4.89
CA ASP A 71 2.86 10.14 5.62
C ASP A 71 3.42 8.75 5.90
N GLY A 72 2.87 7.71 5.24
CA GLY A 72 3.42 6.36 5.35
C GLY A 72 2.88 5.31 6.32
N LEU A 73 1.77 5.61 7.00
CA LEU A 73 1.16 4.68 7.95
C LEU A 73 0.01 3.94 7.30
N LEU A 74 -0.08 2.66 7.59
CA LEU A 74 -1.16 1.82 7.05
C LEU A 74 -2.38 1.98 7.91
N TYR A 75 -3.53 1.97 7.27
CA TYR A 75 -4.80 1.98 8.00
C TYR A 75 -5.77 1.21 7.14
N GLY A 76 -6.87 0.75 7.75
CA GLY A 76 -7.96 0.17 7.03
C GLY A 76 -8.93 1.23 6.59
N SER A 77 -9.24 1.24 5.30
CA SER A 77 -10.13 2.19 4.67
C SER A 77 -11.49 1.59 4.40
N GLN A 78 -12.52 2.44 4.35
CA GLN A 78 -13.90 1.97 4.15
C GLN A 78 -14.25 1.89 2.69
N THR A 79 -13.47 2.56 1.84
CA THR A 79 -13.71 2.52 0.40
C THR A 79 -12.42 2.30 -0.37
N PRO A 80 -12.51 1.62 -1.52
CA PRO A 80 -11.38 1.42 -2.44
C PRO A 80 -10.97 2.71 -3.19
N ASN A 81 -10.33 3.64 -2.49
CA ASN A 81 -9.87 4.85 -3.16
C ASN A 81 -8.40 4.71 -3.63
N GLU A 82 -7.77 5.77 -4.09
CA GLU A 82 -6.43 5.63 -4.67
C GLU A 82 -5.35 5.21 -3.67
N GLU A 83 -5.57 5.53 -2.40
CA GLU A 83 -4.64 5.17 -1.33
C GLU A 83 -4.71 3.67 -1.02
N CYS A 84 -5.63 2.97 -1.70
CA CYS A 84 -5.81 1.52 -1.56
C CYS A 84 -5.16 0.65 -2.67
N LEU A 85 -4.67 1.28 -3.71
CA LEU A 85 -3.99 0.55 -4.75
C LEU A 85 -2.57 0.20 -4.38
N PHE A 86 -2.25 -1.10 -4.47
CA PHE A 86 -0.87 -1.54 -4.29
C PHE A 86 -0.30 -2.24 -5.52
N LEU A 87 0.99 -2.00 -5.79
CA LEU A 87 1.77 -2.76 -6.77
C LEU A 87 2.31 -4.04 -6.17
N GLU A 88 1.88 -5.17 -6.66
CA GLU A 88 2.36 -6.45 -6.15
C GLU A 88 3.46 -6.87 -7.06
N ARG A 89 4.64 -7.06 -6.50
CA ARG A 89 5.80 -7.46 -7.24
C ARG A 89 6.45 -8.70 -6.67
N LEU A 90 6.53 -9.73 -7.50
CA LEU A 90 7.22 -10.95 -7.12
C LEU A 90 8.68 -10.64 -6.82
N GLU A 91 9.19 -11.20 -5.74
CA GLU A 91 10.60 -11.04 -5.43
C GLU A 91 11.26 -12.43 -5.45
N GLU A 92 12.49 -12.57 -4.97
CA GLU A 92 13.02 -13.93 -4.79
C GLU A 92 12.43 -14.36 -3.44
N ASN A 93 11.56 -15.38 -3.38
CA ASN A 93 11.12 -16.24 -4.45
C ASN A 93 10.46 -17.26 -3.55
N HIS A 94 9.14 -17.25 -3.35
CA HIS A 94 8.18 -16.42 -4.06
C HIS A 94 7.31 -15.51 -3.17
N TYR A 95 8.00 -14.71 -2.38
CA TYR A 95 7.38 -13.67 -1.62
C TYR A 95 7.06 -12.52 -2.58
N ASN A 96 6.00 -11.78 -2.26
CA ASN A 96 5.69 -10.52 -2.92
C ASN A 96 6.00 -9.34 -2.05
N THR A 97 6.14 -8.18 -2.68
CA THR A 97 6.17 -6.92 -1.97
C THR A 97 5.00 -6.13 -2.53
N TYR A 98 4.54 -5.21 -1.71
CA TYR A 98 3.41 -4.38 -2.02
C TYR A 98 3.80 -2.92 -1.85
N ILE A 99 4.00 -2.26 -2.98
CA ILE A 99 4.30 -0.86 -2.97
C ILE A 99 3.00 -0.09 -3.11
N SER A 100 2.86 0.91 -2.23
CA SER A 100 1.83 1.91 -2.36
C SER A 100 1.88 2.48 -3.78
N LYS A 101 0.79 2.41 -4.54
CA LYS A 101 0.80 2.97 -5.89
C LYS A 101 0.85 4.51 -5.90
N LYS A 102 0.10 5.13 -5.00
CA LYS A 102 0.15 6.58 -4.90
C LYS A 102 1.53 7.12 -4.52
N HIS A 103 2.26 6.42 -3.64
CA HIS A 103 3.60 6.86 -3.24
C HIS A 103 4.70 5.94 -3.77
N ALA A 104 4.42 5.36 -4.93
CA ALA A 104 5.34 4.46 -5.58
C ALA A 104 6.71 5.13 -5.78
N GLU A 105 6.70 6.41 -6.17
CA GLU A 105 7.94 7.13 -6.43
C GLU A 105 8.82 7.19 -5.17
N LYS A 106 8.18 7.04 -4.00
CA LYS A 106 8.90 7.12 -2.75
C LYS A 106 9.34 5.76 -2.20
N ASN A 107 9.16 4.70 -2.97
CA ASN A 107 9.41 3.35 -2.47
C ASN A 107 8.79 3.04 -1.08
N TRP A 108 7.53 3.40 -0.88
CA TRP A 108 6.82 3.08 0.36
C TRP A 108 6.14 1.73 0.28
N PHE A 109 6.59 0.78 1.07
CA PHE A 109 6.07 -0.57 0.96
C PHE A 109 5.12 -0.81 2.11
N VAL A 110 4.25 -1.81 1.98
CA VAL A 110 3.58 -2.40 3.13
C VAL A 110 4.61 -3.18 3.94
N GLY A 111 4.65 -2.99 5.24
CA GLY A 111 5.64 -3.66 6.06
C GLY A 111 5.18 -3.90 7.49
N LEU A 112 5.67 -4.99 8.05
CA LEU A 112 5.53 -5.32 9.47
C LEU A 112 6.90 -5.44 10.13
N LYS A 113 6.97 -4.92 11.33
CA LYS A 113 8.10 -5.10 12.18
C LYS A 113 8.16 -6.45 12.80
N LYS A 114 9.27 -6.70 13.44
CA LYS A 114 9.58 -7.96 14.06
C LYS A 114 8.57 -8.35 15.11
N ASN A 115 7.99 -7.38 15.76
CA ASN A 115 6.97 -7.61 16.75
C ASN A 115 5.60 -7.56 16.18
N GLY A 116 5.50 -7.39 14.88
CA GLY A 116 4.20 -7.46 14.23
C GLY A 116 3.42 -6.18 14.18
N SER A 117 4.02 -5.06 14.50
CA SER A 117 3.33 -3.81 14.29
C SER A 117 3.79 -3.18 12.97
N CYS A 118 2.95 -2.34 12.39
CA CYS A 118 3.30 -1.59 11.17
C CYS A 118 4.67 -0.92 11.16
N LYS A 119 5.41 -1.16 10.08
CA LYS A 119 6.54 -0.33 9.65
C LYS A 119 5.94 0.81 8.83
N ARG A 120 6.44 2.02 9.06
CA ARG A 120 5.97 3.23 8.40
C ARG A 120 6.62 3.24 7.04
N GLY A 121 5.85 3.59 6.02
CA GLY A 121 6.36 3.64 4.64
C GLY A 121 7.78 4.19 4.48
N PRO A 122 8.07 5.40 5.02
CA PRO A 122 9.43 5.96 5.03
C PRO A 122 10.48 5.06 5.68
N ARG A 123 10.09 4.23 6.66
CA ARG A 123 11.06 3.31 7.26
C ARG A 123 11.26 2.01 6.49
N THR A 124 10.52 1.85 5.39
CA THR A 124 10.71 0.69 4.50
C THR A 124 11.67 0.89 3.33
N HIS A 125 12.26 -0.20 2.85
CA HIS A 125 13.03 -0.20 1.60
C HIS A 125 13.33 -1.61 1.08
N TYR A 126 13.56 -1.74 -0.24
CA TYR A 126 13.92 -3.03 -0.85
C TYR A 126 14.98 -3.75 -0.04
N GLY A 127 14.75 -5.04 0.24
CA GLY A 127 15.75 -5.87 0.86
C GLY A 127 15.46 -6.18 2.32
N GLN A 128 14.48 -5.48 2.90
CA GLN A 128 14.07 -5.76 4.28
C GLN A 128 13.20 -6.99 4.30
N LYS A 129 13.28 -7.77 5.38
CA LYS A 129 12.33 -8.84 5.62
C LYS A 129 10.93 -8.30 5.88
N ALA A 130 10.87 -7.04 6.33
CA ALA A 130 9.66 -6.36 6.74
C ALA A 130 8.66 -6.26 5.62
N ILE A 131 9.14 -6.21 4.37
CA ILE A 131 8.28 -5.97 3.21
C ILE A 131 7.90 -7.21 2.39
N LEU A 132 8.38 -8.38 2.82
CA LEU A 132 8.19 -9.58 2.04
C LEU A 132 6.97 -10.36 2.54
N PHE A 133 6.01 -10.65 1.65
CA PHE A 133 4.80 -11.34 2.08
C PHE A 133 4.52 -12.54 1.23
N LEU A 134 4.23 -13.67 1.88
CA LEU A 134 3.86 -14.88 1.20
C LEU A 134 2.33 -15.00 1.13
N PRO A 135 1.75 -14.94 -0.09
CA PRO A 135 0.30 -15.10 -0.20
C PRO A 135 -0.06 -16.57 -0.17
N LEU A 136 -0.88 -16.98 0.78
CA LEU A 136 -1.19 -18.38 0.93
C LEU A 136 -2.63 -18.53 0.61
N PRO A 137 -2.92 -19.18 -0.53
CA PRO A 137 -4.34 -19.23 -0.82
C PRO A 137 -4.98 -20.21 0.13
N VAL A 138 -6.12 -19.84 0.70
CA VAL A 138 -6.88 -20.76 1.55
C VAL A 138 -7.61 -21.83 0.73
N LYS B 11 -29.08 15.19 25.57
CA LYS B 11 -28.82 13.73 25.42
C LYS B 11 -27.51 13.37 24.69
N PRO B 12 -27.05 12.12 24.84
CA PRO B 12 -25.76 11.74 24.26
C PRO B 12 -25.75 11.69 22.71
N LYS B 13 -24.54 11.64 22.11
CA LYS B 13 -24.32 11.58 20.66
C LYS B 13 -23.01 10.89 20.36
N LEU B 14 -22.97 10.13 19.27
CA LEU B 14 -21.67 9.78 18.66
C LEU B 14 -21.24 10.93 17.76
N LEU B 15 -19.95 11.15 17.59
CA LEU B 15 -19.46 12.13 16.62
C LEU B 15 -18.66 11.41 15.57
N TYR B 16 -19.23 11.29 14.38
CA TYR B 16 -18.63 10.52 13.31
C TYR B 16 -17.81 11.40 12.38
N CYS B 17 -16.54 11.06 12.23
CA CYS B 17 -15.68 11.87 11.41
C CYS B 17 -15.78 11.43 9.92
N SER B 18 -15.96 12.34 8.96
CA SER B 18 -15.97 11.89 7.57
C SER B 18 -14.64 11.33 7.08
N ASN B 19 -13.52 11.75 7.67
CA ASN B 19 -12.26 11.52 7.02
C ASN B 19 -12.05 10.04 6.76
N GLY B 20 -11.91 9.31 7.85
CA GLY B 20 -11.72 7.90 7.77
C GLY B 20 -12.89 7.15 8.32
N GLY B 21 -13.99 7.81 8.59
CA GLY B 21 -15.16 7.13 9.13
C GLY B 21 -14.93 6.60 10.55
N HIS B 22 -14.39 7.43 11.44
CA HIS B 22 -14.21 7.02 12.82
C HIS B 22 -15.08 7.82 13.75
N PHE B 23 -15.57 7.18 14.78
CA PHE B 23 -16.23 7.89 15.87
C PHE B 23 -15.17 8.45 16.81
N LEU B 24 -15.30 9.74 17.12
CA LEU B 24 -14.43 10.42 18.07
C LEU B 24 -14.51 9.70 19.41
N ARG B 25 -13.33 9.36 19.92
CA ARG B 25 -13.21 8.62 21.14
C ARG B 25 -12.28 9.29 22.15
N ILE B 26 -12.76 9.38 23.37
CA ILE B 26 -11.93 9.81 24.47
C ILE B 26 -11.67 8.64 25.40
N LEU B 27 -10.43 8.15 25.39
CA LEU B 27 -10.05 7.04 26.26
C LEU B 27 -9.75 7.48 27.70
N PRO B 28 -10.00 6.57 28.65
CA PRO B 28 -9.77 6.87 30.07
C PRO B 28 -8.37 7.38 30.46
N ASP B 29 -7.33 7.03 29.71
CA ASP B 29 -6.00 7.55 29.93
C ASP B 29 -5.79 8.95 29.36
N GLY B 30 -6.84 9.55 28.81
CA GLY B 30 -6.64 10.88 28.23
C GLY B 30 -6.37 10.95 26.73
N THR B 31 -6.03 9.83 26.12
CA THR B 31 -5.76 9.81 24.69
C THR B 31 -7.04 9.99 23.89
N VAL B 32 -6.96 10.83 22.87
CA VAL B 32 -8.08 11.10 22.00
C VAL B 32 -7.79 10.58 20.60
N ASP B 33 -8.68 9.74 20.10
CA ASP B 33 -8.54 9.33 18.71
C ASP B 33 -9.90 8.95 18.16
N GLY B 34 -9.91 8.27 17.01
CA GLY B 34 -11.17 7.73 16.51
C GLY B 34 -11.09 6.23 16.43
N THR B 35 -12.24 5.60 16.50
CA THR B 35 -12.35 4.18 16.26
C THR B 35 -13.47 3.92 15.24
N ARG B 36 -13.21 3.01 14.31
CA ARG B 36 -14.21 2.61 13.33
C ARG B 36 -15.29 1.77 14.00
N ASP B 37 -14.94 1.17 15.12
CA ASP B 37 -15.81 0.16 15.69
C ASP B 37 -16.85 0.87 16.54
N ARG B 38 -18.12 0.73 16.18
CA ARG B 38 -19.20 1.46 16.87
C ARG B 38 -19.55 0.90 18.24
N SER B 39 -19.07 -0.32 18.52
CA SER B 39 -19.29 -1.00 19.79
C SER B 39 -18.18 -0.70 20.82
N ASP B 40 -17.42 0.36 20.59
CA ASP B 40 -16.53 0.89 21.63
C ASP B 40 -17.37 1.64 22.65
N GLN B 41 -16.90 1.68 23.88
CA GLN B 41 -17.64 2.25 25.01
C GLN B 41 -17.33 3.72 25.24
N HIS B 42 -16.29 4.23 24.58
CA HIS B 42 -15.80 5.60 24.83
C HIS B 42 -16.06 6.59 23.72
N ILE B 43 -17.13 6.38 22.97
CA ILE B 43 -17.43 7.22 21.85
C ILE B 43 -18.74 7.94 22.05
N GLN B 44 -19.43 7.62 23.14
CA GLN B 44 -20.71 8.23 23.42
C GLN B 44 -20.46 9.58 24.12
N LEU B 45 -20.99 10.66 23.56
CA LEU B 45 -20.57 11.99 24.04
C LEU B 45 -21.76 12.87 24.39
N GLN B 46 -21.52 13.78 25.33
CA GLN B 46 -22.49 14.78 25.73
C GLN B 46 -21.91 16.17 25.53
N LEU B 47 -22.61 17.00 24.75
CA LEU B 47 -22.26 18.39 24.53
C LEU B 47 -23.10 19.31 25.42
N SER B 48 -22.49 20.10 26.28
CA SER B 48 -23.24 21.10 26.99
C SER B 48 -22.80 22.44 26.43
N ALA B 49 -23.71 23.40 26.29
CA ALA B 49 -23.33 24.71 25.75
C ALA B 49 -23.11 25.77 26.83
N GLU B 50 -21.95 26.43 26.81
CA GLU B 50 -21.68 27.55 27.70
C GLU B 50 -22.37 28.85 27.18
N SER B 51 -21.83 29.46 26.13
CA SER B 51 -22.58 30.44 25.33
C SER B 51 -23.16 29.77 24.08
N VAL B 52 -23.78 30.56 23.22
CA VAL B 52 -24.40 30.06 22.01
C VAL B 52 -23.30 29.71 20.99
N GLY B 53 -23.23 28.43 20.63
CA GLY B 53 -22.20 27.94 19.71
C GLY B 53 -20.89 27.72 20.41
N GLU B 54 -20.89 27.76 21.74
CA GLU B 54 -19.73 27.37 22.51
C GLU B 54 -20.07 26.12 23.31
N VAL B 55 -19.30 25.05 23.15
CA VAL B 55 -19.66 23.75 23.72
C VAL B 55 -18.51 23.10 24.47
N TYR B 56 -18.91 22.37 25.50
CA TYR B 56 -18.08 21.35 26.11
C TYR B 56 -18.44 20.03 25.47
N ILE B 57 -17.44 19.18 25.23
CA ILE B 57 -17.71 17.81 24.75
C ILE B 57 -17.22 16.82 25.79
N LYS B 58 -18.17 16.12 26.40
CA LYS B 58 -17.94 15.27 27.56
C LYS B 58 -18.14 13.81 27.20
N SER B 59 -17.22 12.95 27.64
CA SER B 59 -17.44 11.49 27.56
C SER B 59 -18.44 11.03 28.59
N THR B 60 -19.48 10.32 28.12
CA THR B 60 -20.57 9.91 29.00
C THR B 60 -20.16 8.73 29.87
N GLU B 61 -19.12 8.01 29.48
CA GLU B 61 -18.57 6.90 30.26
C GLU B 61 -17.53 7.32 31.31
N THR B 62 -16.64 8.25 30.95
CA THR B 62 -15.51 8.59 31.80
C THR B 62 -15.64 9.97 32.42
N GLY B 63 -16.56 10.79 31.94
CA GLY B 63 -16.69 12.17 32.43
C GLY B 63 -15.52 13.08 32.07
N GLN B 64 -14.57 12.62 31.25
CA GLN B 64 -13.57 13.56 30.73
C GLN B 64 -14.09 14.50 29.63
N TYR B 65 -13.50 15.69 29.62
CA TYR B 65 -13.84 16.70 28.63
C TYR B 65 -12.75 16.71 27.58
N LEU B 66 -13.16 16.82 26.31
CA LEU B 66 -12.22 17.07 25.21
C LEU B 66 -11.57 18.45 25.40
N ALA B 67 -10.26 18.49 25.16
CA ALA B 67 -9.51 19.71 25.25
C ALA B 67 -8.37 19.71 24.28
N MET B 68 -7.97 20.89 23.86
CA MET B 68 -6.84 20.98 22.97
C MET B 68 -5.71 21.66 23.71
N ASP B 69 -4.58 20.96 23.84
CA ASP B 69 -3.41 21.53 24.49
C ASP B 69 -2.77 22.57 23.59
N THR B 70 -1.66 23.08 24.09
CA THR B 70 -1.14 24.31 23.54
C THR B 70 -0.30 24.07 22.28
N ASP B 71 0.03 22.81 22.03
CA ASP B 71 0.67 22.37 20.78
C ASP B 71 -0.35 21.89 19.72
N GLY B 72 -1.64 22.02 20.03
CA GLY B 72 -2.71 21.63 19.13
C GLY B 72 -3.20 20.20 19.23
N LEU B 73 -2.75 19.47 20.24
CA LEU B 73 -3.08 18.06 20.39
C LEU B 73 -4.30 17.94 21.27
N LEU B 74 -5.15 16.96 20.96
CA LEU B 74 -6.37 16.73 21.69
C LEU B 74 -6.09 15.80 22.88
N TYR B 75 -6.76 16.06 23.99
CA TYR B 75 -6.68 15.16 25.14
C TYR B 75 -7.97 15.18 25.95
N GLY B 76 -8.15 14.16 26.77
CA GLY B 76 -9.22 14.15 27.75
C GLY B 76 -8.75 14.78 29.06
N SER B 77 -9.51 15.75 29.52
CA SER B 77 -9.19 16.50 30.70
C SER B 77 -10.22 16.13 31.73
N GLN B 78 -9.75 15.90 32.96
CA GLN B 78 -10.68 15.69 34.07
C GLN B 78 -11.12 16.95 34.76
N THR B 79 -10.72 18.09 34.19
CA THR B 79 -11.09 19.38 34.75
C THR B 79 -11.53 20.27 33.61
N PRO B 80 -12.83 20.57 33.56
CA PRO B 80 -13.37 21.40 32.49
C PRO B 80 -12.96 22.86 32.60
N ASN B 81 -11.97 23.26 31.83
CA ASN B 81 -11.48 24.65 31.82
C ASN B 81 -11.55 25.28 30.41
N GLU B 82 -10.93 26.44 30.24
CA GLU B 82 -10.85 27.17 28.96
C GLU B 82 -10.48 26.27 27.76
N GLU B 83 -9.54 25.36 27.99
CA GLU B 83 -9.05 24.49 26.94
C GLU B 83 -10.09 23.45 26.47
N CYS B 84 -11.25 23.39 27.09
CA CYS B 84 -12.25 22.41 26.77
C CYS B 84 -13.40 23.05 25.99
N LEU B 85 -13.32 24.35 25.75
CA LEU B 85 -14.41 24.97 25.04
C LEU B 85 -14.17 24.97 23.53
N PHE B 86 -15.22 24.75 22.78
CA PHE B 86 -15.12 24.66 21.32
C PHE B 86 -16.24 25.41 20.67
N LEU B 87 -15.91 26.08 19.57
CA LEU B 87 -16.91 26.85 18.83
C LEU B 87 -17.57 25.87 17.85
N GLU B 88 -18.81 25.54 18.11
CA GLU B 88 -19.53 24.61 17.25
C GLU B 88 -20.09 25.37 16.07
N ARG B 89 -19.86 24.86 14.88
CA ARG B 89 -20.38 25.47 13.68
C ARG B 89 -21.06 24.40 12.83
N LEU B 90 -22.36 24.58 12.60
CA LEU B 90 -23.16 23.70 11.75
C LEU B 90 -22.91 23.96 10.28
N GLU B 91 -22.81 22.88 9.49
CA GLU B 91 -22.10 22.88 8.21
C GLU B 91 -22.80 22.37 6.96
N GLU B 92 -21.93 22.02 6.00
CA GLU B 92 -22.25 21.82 4.59
C GLU B 92 -23.62 21.13 4.51
N ASN B 93 -23.65 19.84 4.84
CA ASN B 93 -24.91 19.18 5.14
C ASN B 93 -24.62 17.70 5.34
N HIS B 94 -24.82 17.24 6.57
CA HIS B 94 -25.08 18.17 7.66
C HIS B 94 -24.14 17.90 8.85
N TYR B 95 -22.86 18.15 8.61
CA TYR B 95 -21.81 17.90 9.56
C TYR B 95 -21.54 19.11 10.46
N ASN B 96 -20.89 18.90 11.58
CA ASN B 96 -20.48 19.98 12.46
C ASN B 96 -18.96 20.18 12.41
N THR B 97 -18.45 21.40 12.66
CA THR B 97 -17.02 21.57 12.96
C THR B 97 -16.78 22.11 14.36
N TYR B 98 -15.59 21.89 14.94
CA TYR B 98 -15.30 22.33 16.29
C TYR B 98 -13.97 23.06 16.35
N ILE B 99 -14.02 24.38 16.53
CA ILE B 99 -12.80 25.17 16.63
C ILE B 99 -12.46 25.41 18.10
N SER B 100 -11.20 25.19 18.46
CA SER B 100 -10.75 25.45 19.83
C SER B 100 -11.04 26.89 20.15
N LYS B 101 -11.73 27.18 21.26
CA LYS B 101 -12.00 28.57 21.61
C LYS B 101 -10.71 29.32 21.98
N LYS B 102 -9.94 28.70 22.86
CA LYS B 102 -8.62 29.19 23.24
C LYS B 102 -7.72 29.55 22.06
N HIS B 103 -7.61 28.66 21.08
CA HIS B 103 -6.73 28.90 19.94
C HIS B 103 -7.49 29.17 18.66
N ALA B 104 -8.63 29.85 18.80
CA ALA B 104 -9.47 30.23 17.69
C ALA B 104 -8.83 31.16 16.68
N GLU B 105 -7.84 31.95 17.10
CA GLU B 105 -7.28 32.99 16.26
C GLU B 105 -6.44 32.30 15.18
N LYS B 106 -5.96 31.11 15.52
CA LYS B 106 -5.13 30.30 14.67
C LYS B 106 -5.93 29.33 13.80
N ASN B 107 -7.25 29.35 13.93
CA ASN B 107 -8.14 28.41 13.28
C ASN B 107 -7.81 26.93 13.51
N TRP B 108 -7.52 26.55 14.76
CA TRP B 108 -7.30 25.16 15.09
C TRP B 108 -8.61 24.41 15.35
N PHE B 109 -8.81 23.35 14.57
CA PHE B 109 -9.99 22.48 14.62
C PHE B 109 -9.71 21.19 15.35
N VAL B 110 -10.80 20.62 15.88
CA VAL B 110 -10.80 19.21 16.22
C VAL B 110 -10.75 18.49 14.87
N GLY B 111 -9.91 17.47 14.78
CA GLY B 111 -9.78 16.75 13.53
C GLY B 111 -9.22 15.37 13.72
N LEU B 112 -9.73 14.43 12.93
CA LEU B 112 -9.18 13.06 12.95
C LEU B 112 -8.49 12.76 11.65
N LYS B 113 -7.42 11.98 11.70
CA LYS B 113 -6.72 11.53 10.51
C LYS B 113 -7.41 10.29 9.94
N LYS B 114 -7.18 10.03 8.65
CA LYS B 114 -7.70 8.86 7.96
C LYS B 114 -7.31 7.60 8.70
N ASN B 115 -6.13 7.63 9.31
CA ASN B 115 -5.72 6.53 10.20
C ASN B 115 -6.44 6.51 11.56
N GLY B 116 -7.29 7.50 11.81
CA GLY B 116 -8.08 7.59 13.04
C GLY B 116 -7.35 8.21 14.23
N SER B 117 -6.13 8.70 14.00
CA SER B 117 -5.43 9.35 15.08
C SER B 117 -5.75 10.83 14.99
N CYS B 118 -5.59 11.56 16.10
CA CYS B 118 -5.87 12.98 16.11
C CYS B 118 -4.97 13.75 15.13
N LYS B 119 -5.55 14.70 14.44
CA LYS B 119 -4.83 15.59 13.56
C LYS B 119 -4.60 16.84 14.37
N ARG B 120 -3.35 17.29 14.49
CA ARG B 120 -3.04 18.44 15.31
C ARG B 120 -3.69 19.71 14.76
N GLY B 121 -4.21 20.54 15.67
CA GLY B 121 -4.81 21.83 15.30
C GLY B 121 -4.16 22.64 14.16
N PRO B 122 -2.85 22.90 14.29
CA PRO B 122 -2.21 23.69 13.20
C PRO B 122 -2.28 23.06 11.78
N ARG B 123 -2.34 21.73 11.73
CA ARG B 123 -2.34 20.95 10.48
C ARG B 123 -3.73 20.86 9.86
N THR B 124 -4.74 21.09 10.69
CA THR B 124 -6.11 21.04 10.25
C THR B 124 -6.41 22.36 9.57
N HIS B 125 -7.37 22.33 8.66
CA HIS B 125 -8.17 23.52 8.33
C HIS B 125 -9.29 23.24 7.34
N TYR B 126 -10.17 24.20 7.22
CA TYR B 126 -11.43 24.03 6.49
C TYR B 126 -11.26 23.52 5.05
N GLY B 127 -12.17 22.64 4.65
CA GLY B 127 -12.09 21.92 3.37
C GLY B 127 -11.67 20.47 3.58
N GLN B 128 -11.00 20.23 4.71
CA GLN B 128 -10.58 18.90 5.09
C GLN B 128 -11.79 18.16 5.65
N LYS B 129 -11.93 16.91 5.28
CA LYS B 129 -13.01 16.14 5.86
C LYS B 129 -12.59 15.66 7.26
N ALA B 130 -11.34 15.97 7.59
CA ALA B 130 -10.72 15.58 8.87
C ALA B 130 -11.45 16.24 10.01
N ILE B 131 -12.01 17.42 9.75
CA ILE B 131 -12.65 18.28 10.72
C ILE B 131 -14.18 18.16 10.75
N LEU B 132 -14.74 17.29 9.91
CA LEU B 132 -16.19 17.21 9.72
C LEU B 132 -16.79 16.10 10.58
N PHE B 133 -17.77 16.43 11.43
CA PHE B 133 -18.32 15.45 12.35
C PHE B 133 -19.84 15.42 12.36
N LEU B 134 -20.39 14.22 12.19
CA LEU B 134 -21.83 14.03 12.19
C LEU B 134 -22.29 13.65 13.58
N PRO B 135 -23.04 14.54 14.25
CA PRO B 135 -23.63 14.21 15.53
C PRO B 135 -24.75 13.23 15.31
N LEU B 136 -24.71 12.11 16.03
CA LEU B 136 -25.75 11.09 15.95
C LEU B 136 -26.15 10.67 17.33
N PRO B 137 -27.43 10.77 17.66
CA PRO B 137 -28.01 10.36 18.94
C PRO B 137 -27.92 8.87 19.37
N VAL B 138 -28.21 8.63 20.65
CA VAL B 138 -28.03 7.33 21.31
C VAL B 138 -26.55 6.94 21.34
N LYS C 11 13.49 -22.73 -9.30
CA LYS C 11 12.49 -21.72 -8.79
C LYS C 11 12.16 -20.68 -9.89
N PRO C 12 11.47 -21.16 -10.94
CA PRO C 12 11.33 -20.35 -12.14
C PRO C 12 10.28 -19.24 -12.01
N LYS C 13 10.49 -18.15 -12.75
CA LYS C 13 9.46 -17.14 -12.99
C LYS C 13 9.18 -16.88 -14.47
N LEU C 14 8.12 -16.14 -14.72
CA LEU C 14 7.75 -15.76 -16.05
C LEU C 14 8.13 -14.32 -16.14
N LEU C 15 8.38 -13.83 -17.37
CA LEU C 15 8.46 -12.41 -17.62
C LEU C 15 7.31 -11.95 -18.55
N TYR C 16 6.34 -11.30 -17.94
CA TYR C 16 5.17 -10.90 -18.68
C TYR C 16 5.38 -9.50 -19.23
N CYS C 17 5.17 -9.35 -20.53
CA CYS C 17 5.42 -8.07 -21.19
C CYS C 17 4.16 -7.26 -21.24
N SER C 18 4.26 -6.00 -20.83
CA SER C 18 3.09 -5.14 -20.78
C SER C 18 2.48 -4.91 -22.17
N ASN C 19 3.37 -4.86 -23.17
CA ASN C 19 3.10 -4.22 -24.44
C ASN C 19 1.92 -4.81 -25.15
N GLY C 20 1.93 -6.13 -25.27
CA GLY C 20 0.84 -6.87 -25.86
C GLY C 20 0.32 -8.00 -24.97
N GLY C 21 1.03 -8.28 -23.88
CA GLY C 21 0.58 -9.28 -22.92
C GLY C 21 1.16 -10.65 -23.14
N HIS C 22 2.45 -10.68 -23.41
CA HIS C 22 3.17 -11.88 -23.74
C HIS C 22 4.14 -12.28 -22.67
N PHE C 23 4.26 -13.57 -22.46
CA PHE C 23 5.34 -14.10 -21.68
C PHE C 23 6.53 -14.29 -22.58
N LEU C 24 7.68 -13.79 -22.16
CA LEU C 24 8.92 -13.99 -22.91
C LEU C 24 9.25 -15.48 -23.10
N ARG C 25 9.55 -15.86 -24.34
CA ARG C 25 9.79 -17.28 -24.66
C ARG C 25 11.12 -17.53 -25.35
N ILE C 26 11.83 -18.53 -24.84
CA ILE C 26 13.00 -19.03 -25.51
C ILE C 26 12.78 -20.47 -25.95
N LEU C 27 12.56 -20.62 -27.25
CA LEU C 27 12.41 -21.92 -27.89
C LEU C 27 13.74 -22.60 -28.01
N PRO C 28 13.76 -23.96 -28.01
CA PRO C 28 15.03 -24.76 -28.07
C PRO C 28 15.82 -24.49 -29.35
N ASP C 29 15.08 -24.12 -30.39
CA ASP C 29 15.49 -23.42 -31.58
C ASP C 29 16.58 -22.35 -31.36
N GLY C 30 16.48 -21.59 -30.27
CA GLY C 30 17.13 -20.28 -30.20
C GLY C 30 16.27 -19.09 -30.57
N THR C 31 15.10 -19.28 -31.18
CA THR C 31 14.21 -18.18 -31.52
C THR C 31 13.56 -17.63 -30.27
N VAL C 32 13.53 -16.31 -30.13
CA VAL C 32 12.92 -15.67 -28.97
C VAL C 32 11.68 -14.93 -29.46
N ASP C 33 10.57 -15.04 -28.74
CA ASP C 33 9.35 -14.28 -29.00
C ASP C 33 8.52 -14.26 -27.72
N GLY C 34 7.20 -14.17 -27.87
CA GLY C 34 6.36 -14.13 -26.67
C GLY C 34 5.07 -14.83 -26.94
N THR C 35 4.52 -15.47 -25.93
CA THR C 35 3.24 -16.14 -26.07
C THR C 35 2.31 -15.81 -24.91
N ARG C 36 1.05 -15.64 -25.24
CA ARG C 36 -0.01 -15.50 -24.26
C ARG C 36 -0.19 -16.75 -23.38
N ASP C 37 0.25 -17.92 -23.83
CA ASP C 37 -0.07 -19.15 -23.12
C ASP C 37 0.80 -19.39 -21.87
N ARG C 38 0.18 -19.37 -20.71
CA ARG C 38 0.93 -19.47 -19.48
C ARG C 38 1.49 -20.87 -19.13
N SER C 39 0.92 -21.93 -19.69
CA SER C 39 1.40 -23.31 -19.52
C SER C 39 2.46 -23.72 -20.56
N ASP C 40 2.77 -22.82 -21.49
CA ASP C 40 3.89 -23.03 -22.40
C ASP C 40 5.14 -23.36 -21.58
N GLN C 41 5.80 -24.45 -21.91
CA GLN C 41 6.99 -24.87 -21.18
C GLN C 41 8.24 -24.05 -21.56
N HIS C 42 8.20 -23.21 -22.59
CA HIS C 42 9.43 -22.43 -22.82
C HIS C 42 9.45 -20.98 -22.35
N ILE C 43 8.51 -20.63 -21.46
CA ILE C 43 8.43 -19.32 -20.90
C ILE C 43 8.89 -19.30 -19.44
N GLN C 44 9.31 -20.45 -18.92
CA GLN C 44 9.78 -20.52 -17.53
C GLN C 44 11.23 -20.13 -17.42
N LEU C 45 11.51 -18.94 -16.92
CA LEU C 45 12.88 -18.43 -16.88
C LEU C 45 13.48 -18.46 -15.47
N GLN C 46 14.80 -18.41 -15.41
CA GLN C 46 15.51 -18.24 -14.18
C GLN C 46 16.55 -17.13 -14.36
N LEU C 47 16.53 -16.18 -13.42
CA LEU C 47 17.44 -15.04 -13.41
C LEU C 47 18.46 -15.26 -12.33
N SER C 48 19.72 -15.28 -12.73
CA SER C 48 20.83 -15.52 -11.81
C SER C 48 21.90 -14.49 -12.04
N ALA C 49 22.59 -14.14 -10.96
CA ALA C 49 23.46 -12.97 -10.97
C ALA C 49 24.90 -13.33 -11.31
N GLU C 50 25.48 -12.62 -12.27
CA GLU C 50 26.93 -12.61 -12.44
C GLU C 50 27.51 -11.59 -11.44
N SER C 51 27.81 -10.37 -11.91
CA SER C 51 28.14 -9.29 -10.99
C SER C 51 26.88 -8.84 -10.22
N VAL C 52 27.04 -7.84 -9.37
CA VAL C 52 25.87 -7.27 -8.68
C VAL C 52 24.90 -6.56 -9.61
N GLY C 53 25.43 -5.86 -10.62
CA GLY C 53 24.63 -5.26 -11.68
C GLY C 53 23.88 -6.23 -12.61
N GLU C 54 24.59 -7.25 -13.07
CA GLU C 54 24.15 -8.01 -14.24
C GLU C 54 23.36 -9.26 -13.94
N VAL C 55 22.68 -9.79 -14.95
CA VAL C 55 22.01 -11.09 -14.85
C VAL C 55 22.07 -11.86 -16.17
N TYR C 56 21.89 -13.16 -16.03
CA TYR C 56 21.55 -14.09 -17.10
C TYR C 56 20.09 -14.41 -16.93
N ILE C 57 19.40 -14.50 -18.08
CA ILE C 57 18.05 -15.03 -18.15
C ILE C 57 18.11 -16.39 -18.83
N LYS C 58 17.80 -17.44 -18.08
CA LYS C 58 17.93 -18.80 -18.58
C LYS C 58 16.62 -19.53 -18.67
N SER C 59 16.47 -20.30 -19.74
CA SER C 59 15.32 -21.19 -19.89
C SER C 59 15.50 -22.35 -18.95
N THR C 60 14.51 -22.60 -18.08
CA THR C 60 14.59 -23.73 -17.14
C THR C 60 14.26 -25.09 -17.78
N GLU C 61 13.67 -25.03 -18.97
CA GLU C 61 13.37 -26.20 -19.80
C GLU C 61 14.61 -26.66 -20.56
N THR C 62 15.30 -25.73 -21.21
CA THR C 62 16.35 -26.11 -22.15
C THR C 62 17.74 -25.79 -21.61
N GLY C 63 17.82 -24.89 -20.64
CA GLY C 63 19.08 -24.42 -20.09
C GLY C 63 19.75 -23.38 -20.98
N GLN C 64 19.03 -22.89 -21.99
CA GLN C 64 19.58 -21.86 -22.83
C GLN C 64 19.56 -20.48 -22.14
N TYR C 65 20.47 -19.63 -22.58
CA TYR C 65 20.56 -18.30 -22.05
C TYR C 65 20.06 -17.39 -23.13
N LEU C 66 19.22 -16.42 -22.74
CA LEU C 66 18.85 -15.32 -23.61
C LEU C 66 20.11 -14.50 -23.92
N ALA C 67 20.23 -14.04 -25.15
CA ALA C 67 21.37 -13.25 -25.57
C ALA C 67 20.95 -12.29 -26.66
N MET C 68 21.77 -11.25 -26.84
CA MET C 68 21.50 -10.28 -27.90
C MET C 68 22.75 -10.07 -28.71
N ASP C 69 22.58 -10.05 -30.03
CA ASP C 69 23.72 -10.06 -30.94
C ASP C 69 24.11 -8.62 -31.41
N THR C 70 24.98 -8.55 -32.41
CA THR C 70 25.57 -7.31 -32.95
C THR C 70 24.57 -6.40 -33.66
N ASP C 71 23.55 -7.00 -34.25
CA ASP C 71 22.45 -6.26 -34.87
C ASP C 71 21.31 -6.12 -33.86
N GLY C 72 21.53 -6.64 -32.64
CA GLY C 72 20.59 -6.44 -31.54
C GLY C 72 19.29 -7.24 -31.57
N LEU C 73 19.39 -8.43 -32.13
CA LEU C 73 18.30 -9.39 -32.16
C LEU C 73 18.48 -10.36 -31.01
N LEU C 74 17.36 -10.81 -30.45
CA LEU C 74 17.37 -11.76 -29.37
C LEU C 74 17.46 -13.16 -29.94
N TYR C 75 18.34 -13.96 -29.35
CA TYR C 75 18.44 -15.37 -29.61
C TYR C 75 18.78 -16.10 -28.31
N GLY C 76 18.48 -17.39 -28.27
CA GLY C 76 18.90 -18.26 -27.18
C GLY C 76 20.19 -19.01 -27.46
N SER C 77 21.14 -18.84 -26.57
CA SER C 77 22.46 -19.40 -26.72
C SER C 77 22.51 -20.59 -25.80
N GLN C 78 23.28 -21.59 -26.21
CA GLN C 78 23.33 -22.82 -25.46
C GLN C 78 24.39 -22.70 -24.40
N THR C 79 25.31 -21.76 -24.61
CA THR C 79 26.43 -21.53 -23.69
C THR C 79 26.47 -20.07 -23.20
N PRO C 80 26.77 -19.85 -21.91
CA PRO C 80 26.99 -18.51 -21.40
C PRO C 80 28.20 -17.85 -22.04
N ASN C 81 27.99 -16.65 -22.58
CA ASN C 81 29.07 -15.81 -23.09
C ASN C 81 28.78 -14.36 -22.80
N GLU C 82 29.54 -13.45 -23.39
CA GLU C 82 29.39 -12.04 -23.07
C GLU C 82 28.09 -11.42 -23.53
N GLU C 83 27.51 -11.99 -24.58
CA GLU C 83 26.26 -11.49 -25.15
C GLU C 83 25.03 -11.88 -24.30
N CYS C 84 25.24 -12.59 -23.19
CA CYS C 84 24.13 -13.13 -22.42
C CYS C 84 23.86 -12.37 -21.12
N LEU C 85 24.71 -11.40 -20.82
CA LEU C 85 24.58 -10.55 -19.66
C LEU C 85 23.69 -9.33 -19.94
N PHE C 86 22.72 -9.13 -19.07
CA PHE C 86 21.91 -7.93 -19.14
C PHE C 86 21.98 -7.16 -17.82
N LEU C 87 21.68 -5.87 -17.91
CA LEU C 87 21.58 -5.02 -16.73
C LEU C 87 20.11 -4.88 -16.38
N GLU C 88 19.73 -5.46 -15.24
CA GLU C 88 18.37 -5.39 -14.72
C GLU C 88 18.08 -4.06 -14.05
N ARG C 89 17.02 -3.39 -14.51
CA ARG C 89 16.66 -2.15 -13.88
C ARG C 89 15.17 -2.03 -13.55
N LEU C 90 14.87 -1.51 -12.37
CA LEU C 90 13.50 -1.31 -11.91
C LEU C 90 13.08 0.12 -12.18
N GLU C 91 12.04 0.30 -12.99
CA GLU C 91 11.68 1.63 -13.44
C GLU C 91 10.48 2.26 -12.70
N GLU C 92 9.97 3.38 -13.19
CA GLU C 92 8.97 4.20 -12.49
C GLU C 92 7.78 3.47 -11.84
N ASN C 93 7.21 2.48 -12.54
CA ASN C 93 6.04 1.70 -12.03
C ASN C 93 6.37 0.31 -11.54
N HIS C 94 7.64 0.16 -11.19
CA HIS C 94 8.26 -1.05 -10.68
C HIS C 94 8.21 -2.28 -11.61
N TYR C 95 8.16 -2.04 -12.92
CA TYR C 95 8.47 -3.12 -13.87
C TYR C 95 9.99 -3.24 -14.02
N ASN C 96 10.45 -4.38 -14.51
CA ASN C 96 11.85 -4.61 -14.82
C ASN C 96 12.14 -4.36 -16.26
N THR C 97 13.32 -3.77 -16.50
CA THR C 97 13.86 -3.56 -17.85
C THR C 97 15.20 -4.26 -17.92
N TYR C 98 15.55 -4.68 -19.15
CA TYR C 98 16.78 -5.44 -19.35
C TYR C 98 17.50 -4.84 -20.54
N ILE C 99 18.74 -4.42 -20.31
CA ILE C 99 19.51 -3.78 -21.37
C ILE C 99 20.72 -4.66 -21.58
N SER C 100 21.06 -4.87 -22.86
CA SER C 100 22.26 -5.56 -23.21
C SER C 100 23.45 -4.91 -22.51
N LYS C 101 24.25 -5.69 -21.78
CA LYS C 101 25.46 -5.17 -21.12
C LYS C 101 26.57 -4.89 -22.14
N LYS C 102 26.75 -5.77 -23.12
CA LYS C 102 27.68 -5.52 -24.22
C LYS C 102 27.43 -4.18 -24.93
N HIS C 103 26.18 -3.86 -25.22
CA HIS C 103 25.81 -2.62 -25.89
C HIS C 103 25.17 -1.63 -24.93
N ALA C 104 25.61 -1.64 -23.67
CA ALA C 104 24.95 -0.82 -22.65
C ALA C 104 24.75 0.61 -23.08
N GLU C 105 25.80 1.21 -23.65
CA GLU C 105 25.88 2.63 -24.02
C GLU C 105 24.86 3.04 -25.11
N LYS C 106 24.38 2.05 -25.84
CA LYS C 106 23.43 2.32 -26.90
C LYS C 106 22.02 2.11 -26.34
N ASN C 107 21.93 1.60 -25.11
CA ASN C 107 20.63 1.34 -24.49
C ASN C 107 19.80 0.34 -25.29
N TRP C 108 20.34 -0.86 -25.44
CA TRP C 108 19.68 -1.88 -26.24
C TRP C 108 18.82 -2.72 -25.30
N PHE C 109 17.49 -2.56 -25.40
CA PHE C 109 16.59 -3.23 -24.47
C PHE C 109 16.12 -4.59 -24.99
N VAL C 110 15.88 -5.51 -24.07
CA VAL C 110 15.02 -6.65 -24.35
C VAL C 110 13.61 -6.12 -24.46
N GLY C 111 12.91 -6.43 -25.54
CA GLY C 111 11.52 -5.97 -25.73
C GLY C 111 10.69 -6.88 -26.63
N LEU C 112 9.37 -6.78 -26.51
CA LEU C 112 8.50 -7.57 -27.35
C LEU C 112 7.51 -6.64 -28.04
N LYS C 113 7.47 -6.69 -29.37
CA LYS C 113 6.48 -6.02 -30.19
C LYS C 113 5.08 -6.46 -29.79
N LYS C 114 4.09 -5.66 -30.17
CA LYS C 114 2.69 -5.91 -29.78
C LYS C 114 2.09 -7.21 -30.32
N ASN C 115 2.69 -7.81 -31.34
CA ASN C 115 2.16 -9.07 -31.83
C ASN C 115 2.86 -10.26 -31.20
N GLY C 116 3.83 -9.99 -30.32
CA GLY C 116 4.59 -11.04 -29.68
C GLY C 116 5.98 -11.31 -30.25
N SER C 117 6.31 -10.73 -31.40
CA SER C 117 7.68 -10.91 -31.87
C SER C 117 8.57 -9.93 -31.12
N CYS C 118 9.87 -10.13 -31.18
CA CYS C 118 10.77 -9.26 -30.46
C CYS C 118 11.17 -8.03 -31.29
N LYS C 119 11.48 -6.95 -30.58
CA LYS C 119 12.11 -5.78 -31.18
C LYS C 119 13.64 -5.88 -31.17
N ARG C 120 14.25 -5.39 -32.24
CA ARG C 120 15.68 -5.13 -32.26
C ARG C 120 16.01 -4.02 -31.26
N GLY C 121 17.09 -4.23 -30.51
CA GLY C 121 17.60 -3.28 -29.52
C GLY C 121 17.73 -1.84 -30.02
N PRO C 122 18.37 -1.63 -31.18
CA PRO C 122 18.42 -0.27 -31.68
C PRO C 122 17.05 0.36 -32.01
N ARG C 123 15.97 -0.41 -31.98
CA ARG C 123 14.60 0.12 -32.17
C ARG C 123 13.78 0.17 -30.87
N THR C 124 14.46 0.07 -29.73
CA THR C 124 13.83 0.17 -28.43
C THR C 124 14.28 1.48 -27.80
N HIS C 125 13.37 2.17 -27.11
CA HIS C 125 13.70 3.37 -26.34
C HIS C 125 12.86 3.39 -25.07
N TYR C 126 13.37 4.05 -24.04
CA TYR C 126 12.57 4.41 -22.85
C TYR C 126 11.16 4.93 -23.21
N GLY C 127 10.15 4.41 -22.54
CA GLY C 127 8.80 4.91 -22.72
C GLY C 127 7.98 4.00 -23.60
N GLN C 128 8.62 2.92 -24.02
CA GLN C 128 7.94 1.84 -24.69
C GLN C 128 7.42 0.88 -23.62
N LYS C 129 6.14 0.55 -23.75
CA LYS C 129 5.62 -0.62 -23.06
C LYS C 129 6.40 -1.88 -23.47
N ALA C 130 6.94 -1.90 -24.69
CA ALA C 130 7.63 -3.09 -25.24
C ALA C 130 8.77 -3.63 -24.38
N ILE C 131 9.36 -2.76 -23.57
CA ILE C 131 10.48 -3.11 -22.72
C ILE C 131 10.08 -3.37 -21.27
N LEU C 132 8.79 -3.40 -20.97
CA LEU C 132 8.39 -3.43 -19.56
C LEU C 132 7.89 -4.81 -19.19
N PHE C 133 8.53 -5.43 -18.19
CA PHE C 133 8.25 -6.80 -17.81
C PHE C 133 7.84 -6.94 -16.35
N LEU C 134 6.78 -7.70 -16.14
CA LEU C 134 6.45 -8.11 -14.83
C LEU C 134 6.79 -9.55 -14.64
N PRO C 135 7.71 -9.83 -13.72
CA PRO C 135 7.97 -11.19 -13.26
C PRO C 135 6.77 -11.78 -12.53
N LEU C 136 6.30 -12.95 -12.97
CA LEU C 136 5.14 -13.61 -12.39
C LEU C 136 5.53 -15.01 -11.94
N PRO C 137 4.87 -15.54 -10.90
CA PRO C 137 4.96 -16.98 -10.66
C PRO C 137 4.41 -17.76 -11.86
N VAL C 138 4.90 -18.98 -12.08
CA VAL C 138 4.40 -19.83 -13.15
C VAL C 138 2.87 -20.14 -13.06
N SER C 139 2.39 -20.50 -11.87
CA SER C 139 0.95 -20.71 -11.73
C SER C 139 0.26 -19.56 -10.98
S IDY D . 14.45 -5.82 8.12
C1 IDY D . 16.36 -7.82 10.05
O1 IDY D . 16.55 -9.11 9.13
C2 IDY D . 14.93 -7.31 10.26
O2 IDY D . 14.70 -6.01 9.65
C3 IDY D . 14.57 -7.35 11.75
O3 IDY D . 14.13 -8.69 12.06
C4 IDY D . 15.70 -6.95 12.71
O4 IDY D . 15.88 -5.35 12.62
C5 IDY D . 17.10 -7.43 12.34
O5 IDY D . 17.35 -7.32 10.94
C6 IDY D . 18.12 -6.54 12.99
C7 IDY D . 16.87 -10.02 9.07
O6A IDY D . 18.73 -6.94 14.08
O6B IDY D . 18.43 -5.44 12.44
OS1 IDY D . 14.71 -4.41 7.76
OS2 IDY D . 13.04 -6.11 7.77
OS3 IDY D . 15.35 -6.70 7.29
N2 GNX D . 13.53 -4.08 11.74
C1 GNX D . 15.04 -4.69 13.56
S1 GNX D . 11.94 -4.14 11.83
C2 GNX D . 14.31 -3.56 12.86
C3 GNX D . 15.28 -2.50 12.37
O3 GNX D . 14.56 -1.35 11.96
C4 GNX D . 16.27 -2.11 13.48
O4 GNX D . 17.30 -1.32 12.93
C5 GNX D . 16.86 -3.35 14.13
O5 GNX D . 15.82 -4.18 14.61
C6 GNX D . 17.78 -2.97 15.28
O6 GNX D . 17.57 -3.85 16.36
O12 GNX D . 13.68 0.73 11.20
S12 GNX D . 14.67 -0.37 10.98
O1S GNX D . 11.48 -2.84 12.29
O22 GNX D . 15.92 0.23 10.49
O2S GNX D . 11.46 -4.46 10.49
O32 GNX D . 14.18 -1.22 9.89
O3S GNX D . 11.63 -5.21 12.79
P PO4 E . -5.48 13.42 6.53
O1 PO4 E . -4.58 14.45 5.87
O2 PO4 E . -6.87 14.04 6.74
O3 PO4 E . -5.67 12.21 5.60
O4 PO4 E . -4.71 12.91 7.80
P PO4 F . 5.32 -2.00 -31.15
O1 PO4 F . 5.30 -0.46 -31.15
O2 PO4 F . 3.94 -2.61 -31.41
O3 PO4 F . 6.11 -2.48 -32.37
O4 PO4 F . 5.96 -2.46 -29.83
#